data_1JIG
#
_entry.id   1JIG
#
_cell.length_a   87.723
_cell.length_b   87.723
_cell.length_c   214.875
_cell.angle_alpha   90.00
_cell.angle_beta   90.00
_cell.angle_gamma   120.00
#
_symmetry.space_group_name_H-M   'H 3'
#
loop_
_entity.id
_entity.type
_entity.pdbx_description
1 polymer Dlp-2
2 non-polymer 'FE (III) ION'
3 water water
#
_entity_poly.entity_id   1
_entity_poly.type   'polypeptide(L)'
_entity_poly.pdbx_seq_one_letter_code
;STKTNVVEVLNKQVANWNVLYVKLHNYHWYVTGPHFFTLHEKFEEFYNEAGTYIDELAERILALEGKPLATMKEYLATSS
VNEGTSKESAEEMVQTLVNDYSALIQELKEGMEVAGEAGDATSADMLLAIHTTLEQHVWMLSAFLK
;
_entity_poly.pdbx_strand_id   A,B,C,D
#
loop_
_chem_comp.id
_chem_comp.type
_chem_comp.name
_chem_comp.formula
FE non-polymer 'FE (III) ION' 'Fe 3'
#
# COMPACT_ATOMS: atom_id res chain seq x y z
N SER A 1 46.66 -12.80 -9.16
CA SER A 1 45.60 -11.76 -9.36
C SER A 1 46.13 -10.37 -9.06
N THR A 2 45.63 -9.37 -9.78
CA THR A 2 46.02 -7.98 -9.54
C THR A 2 44.78 -7.20 -9.09
N LYS A 3 44.99 -5.99 -8.61
CA LYS A 3 43.89 -5.15 -8.15
C LYS A 3 42.96 -4.90 -9.33
N THR A 4 43.53 -4.79 -10.52
CA THR A 4 42.75 -4.56 -11.72
C THR A 4 41.84 -5.75 -12.04
N ASN A 5 42.31 -6.96 -11.77
CA ASN A 5 41.53 -8.17 -12.00
C ASN A 5 40.31 -8.13 -11.10
N VAL A 6 40.52 -7.71 -9.85
CA VAL A 6 39.45 -7.61 -8.87
C VAL A 6 38.46 -6.51 -9.26
N VAL A 7 38.97 -5.38 -9.76
CA VAL A 7 38.11 -4.28 -10.19
C VAL A 7 37.21 -4.79 -11.31
N GLU A 8 37.77 -5.61 -12.19
CA GLU A 8 36.98 -6.14 -13.29
C GLU A 8 35.89 -7.06 -12.78
N VAL A 9 36.23 -7.97 -11.86
CA VAL A 9 35.24 -8.89 -11.32
C VAL A 9 34.13 -8.11 -10.61
N LEU A 10 34.50 -7.05 -9.91
CA LEU A 10 33.54 -6.23 -9.20
C LEU A 10 32.61 -5.52 -10.16
N ASN A 11 33.16 -5.05 -11.28
CA ASN A 11 32.35 -4.35 -12.26
C ASN A 11 31.36 -5.23 -12.99
N LYS A 12 31.71 -6.51 -13.17
CA LYS A 12 30.79 -7.40 -13.83
C LYS A 12 29.56 -7.55 -12.96
N GLN A 13 29.77 -7.55 -11.65
CA GLN A 13 28.65 -7.70 -10.75
C GLN A 13 27.86 -6.40 -10.65
N VAL A 14 28.55 -5.27 -10.78
CA VAL A 14 27.84 -3.99 -10.76
C VAL A 14 26.86 -4.03 -11.93
N ALA A 15 27.37 -4.44 -13.10
CA ALA A 15 26.54 -4.56 -14.29
C ALA A 15 25.41 -5.56 -14.06
N ASN A 16 25.76 -6.76 -13.58
CA ASN A 16 24.74 -7.80 -13.34
C ASN A 16 23.63 -7.33 -12.40
N TRP A 17 24.00 -6.70 -11.31
CA TRP A 17 22.98 -6.26 -10.36
C TRP A 17 22.12 -5.11 -10.82
N ASN A 18 22.61 -4.35 -11.80
CA ASN A 18 21.82 -3.27 -12.35
C ASN A 18 20.78 -3.92 -13.25
N VAL A 19 21.22 -4.88 -14.07
CA VAL A 19 20.32 -5.59 -14.96
C VAL A 19 19.27 -6.38 -14.16
N LEU A 20 19.70 -6.94 -13.02
CA LEU A 20 18.81 -7.69 -12.14
C LEU A 20 17.82 -6.76 -11.44
N TYR A 21 18.27 -5.55 -11.13
CA TYR A 21 17.40 -4.59 -10.48
C TYR A 21 16.19 -4.35 -11.39
N VAL A 22 16.45 -4.13 -12.67
CA VAL A 22 15.38 -3.92 -13.66
C VAL A 22 14.54 -5.19 -13.87
N LYS A 23 15.21 -6.33 -14.03
CA LYS A 23 14.52 -7.60 -14.25
C LYS A 23 13.60 -7.96 -13.08
N LEU A 24 14.04 -7.66 -11.87
CA LEU A 24 13.24 -7.95 -10.68
C LEU A 24 12.03 -7.03 -10.66
N HIS A 25 12.20 -5.81 -11.17
CA HIS A 25 11.07 -4.90 -11.26
C HIS A 25 10.08 -5.47 -12.28
N ASN A 26 10.62 -6.01 -13.38
CA ASN A 26 9.81 -6.62 -14.44
C ASN A 26 8.91 -7.71 -13.86
N TYR A 27 9.51 -8.64 -13.12
CA TYR A 27 8.76 -9.74 -12.55
C TYR A 27 7.81 -9.26 -11.45
N HIS A 28 8.25 -8.24 -10.72
CA HIS A 28 7.45 -7.64 -9.64
C HIS A 28 6.14 -7.06 -10.22
N TRP A 29 6.25 -6.45 -11.40
CA TRP A 29 5.10 -5.85 -12.08
C TRP A 29 4.23 -6.81 -12.89
N TYR A 30 4.87 -7.75 -13.57
CA TYR A 30 4.16 -8.69 -14.43
C TYR A 30 3.67 -10.01 -13.84
N VAL A 31 3.96 -10.26 -12.57
CA VAL A 31 3.49 -11.50 -11.95
C VAL A 31 1.98 -11.52 -11.87
N THR A 32 1.41 -12.70 -12.10
CA THR A 32 -0.04 -12.91 -12.03
C THR A 32 -0.26 -14.29 -11.44
N GLY A 33 -1.52 -14.63 -11.15
CA GLY A 33 -1.81 -15.93 -10.60
C GLY A 33 -2.06 -15.84 -9.11
N PRO A 34 -2.63 -16.89 -8.49
CA PRO A 34 -2.94 -16.91 -7.06
C PRO A 34 -1.74 -16.66 -6.14
N HIS A 35 -0.54 -16.72 -6.71
CA HIS A 35 0.66 -16.45 -5.91
C HIS A 35 1.18 -15.06 -6.24
N PHE A 36 0.27 -14.18 -6.66
CA PHE A 36 0.63 -12.82 -7.01
C PHE A 36 1.22 -12.06 -5.82
N PHE A 37 0.47 -12.04 -4.72
CA PHE A 37 0.88 -11.33 -3.52
C PHE A 37 2.22 -11.79 -2.97
N THR A 38 2.45 -13.09 -2.98
CA THR A 38 3.71 -13.67 -2.48
C THR A 38 4.89 -13.20 -3.33
N LEU A 39 4.85 -13.51 -4.62
CA LEU A 39 5.92 -13.13 -5.54
C LEU A 39 6.11 -11.63 -5.70
N HIS A 40 5.01 -10.91 -5.87
CA HIS A 40 5.07 -9.46 -6.00
C HIS A 40 5.91 -8.90 -4.86
N GLU A 41 5.59 -9.29 -3.64
CA GLU A 41 6.33 -8.81 -2.48
C GLU A 41 7.76 -9.33 -2.45
N LYS A 42 7.90 -10.62 -2.69
CA LYS A 42 9.21 -11.28 -2.68
C LYS A 42 10.18 -10.61 -3.65
N PHE A 43 9.72 -10.36 -4.86
CA PHE A 43 10.55 -9.75 -5.89
C PHE A 43 10.96 -8.34 -5.50
N GLU A 44 10.11 -7.67 -4.73
CA GLU A 44 10.37 -6.31 -4.28
C GLU A 44 11.52 -6.34 -3.27
N GLU A 45 11.51 -7.31 -2.37
CA GLU A 45 12.58 -7.46 -1.39
C GLU A 45 13.87 -7.74 -2.15
N PHE A 46 13.79 -8.60 -3.16
CA PHE A 46 14.94 -8.95 -3.99
C PHE A 46 15.55 -7.73 -4.70
N TYR A 47 14.70 -6.88 -5.27
CA TYR A 47 15.19 -5.71 -5.97
C TYR A 47 15.82 -4.74 -4.97
N ASN A 48 15.29 -4.70 -3.75
CA ASN A 48 15.81 -3.83 -2.70
C ASN A 48 17.25 -4.25 -2.38
N GLU A 49 17.48 -5.55 -2.32
CA GLU A 49 18.83 -6.07 -2.05
C GLU A 49 19.72 -5.75 -3.26
N ALA A 50 19.18 -5.92 -4.46
CA ALA A 50 19.95 -5.63 -5.66
C ALA A 50 20.49 -4.18 -5.63
N GLY A 51 19.63 -3.25 -5.22
CA GLY A 51 20.03 -1.85 -5.14
C GLY A 51 21.13 -1.61 -4.12
N THR A 52 21.05 -2.27 -2.95
CA THR A 52 22.09 -2.08 -1.95
C THR A 52 23.39 -2.62 -2.50
N TYR A 53 23.31 -3.75 -3.19
CA TYR A 53 24.49 -4.36 -3.76
C TYR A 53 25.20 -3.51 -4.80
N ILE A 54 24.46 -2.82 -5.65
CA ILE A 54 25.12 -2.03 -6.66
C ILE A 54 25.99 -0.96 -6.03
N ASP A 55 25.47 -0.29 -5.01
CA ASP A 55 26.22 0.78 -4.36
C ASP A 55 27.42 0.23 -3.60
N GLU A 56 27.26 -0.92 -2.95
CA GLU A 56 28.34 -1.53 -2.18
C GLU A 56 29.50 -1.91 -3.08
N LEU A 57 29.20 -2.66 -4.14
CA LEU A 57 30.23 -3.09 -5.07
C LEU A 57 30.94 -1.91 -5.71
N ALA A 58 30.17 -0.93 -6.18
CA ALA A 58 30.76 0.24 -6.80
C ALA A 58 31.65 1.02 -5.83
N GLU A 59 31.21 1.15 -4.59
CA GLU A 59 32.02 1.89 -3.62
C GLU A 59 33.28 1.16 -3.20
N ARG A 60 33.31 -0.16 -3.37
CA ARG A 60 34.51 -0.91 -3.05
C ARG A 60 35.47 -0.70 -4.21
N ILE A 61 34.96 -0.58 -5.44
CA ILE A 61 35.86 -0.33 -6.56
C ILE A 61 36.48 1.07 -6.40
N LEU A 62 35.72 2.04 -5.88
CA LEU A 62 36.28 3.38 -5.66
C LEU A 62 37.37 3.25 -4.60
N ALA A 63 37.08 2.45 -3.58
CA ALA A 63 38.02 2.23 -2.48
C ALA A 63 39.35 1.71 -3.03
N LEU A 64 39.30 0.91 -4.09
CA LEU A 64 40.55 0.42 -4.66
C LEU A 64 41.07 1.27 -5.83
N GLU A 65 40.58 2.52 -5.90
CA GLU A 65 41.01 3.46 -6.94
C GLU A 65 40.57 3.07 -8.36
N GLY A 66 39.47 2.33 -8.47
CA GLY A 66 38.98 1.94 -9.78
C GLY A 66 37.79 2.77 -10.25
N LYS A 67 37.37 2.55 -11.49
CA LYS A 67 36.24 3.27 -12.08
C LYS A 67 35.04 2.32 -12.15
N PRO A 68 33.98 2.58 -11.36
CA PRO A 68 32.84 1.67 -11.46
C PRO A 68 32.03 1.93 -12.73
N LEU A 69 31.55 0.88 -13.38
CA LEU A 69 30.75 1.09 -14.58
C LEU A 69 29.54 1.91 -14.12
N ALA A 70 29.20 2.97 -14.86
CA ALA A 70 28.08 3.82 -14.47
C ALA A 70 27.16 4.30 -15.59
N THR A 71 26.94 3.45 -16.59
CA THR A 71 26.00 3.77 -17.66
C THR A 71 25.26 2.49 -17.99
N MET A 72 24.01 2.68 -18.42
CA MET A 72 23.16 1.57 -18.80
C MET A 72 23.76 0.87 -20.03
N LYS A 73 24.32 1.65 -20.94
CA LYS A 73 24.93 1.12 -22.14
C LYS A 73 26.03 0.14 -21.77
N GLU A 74 26.80 0.47 -20.74
CA GLU A 74 27.88 -0.39 -20.28
C GLU A 74 27.41 -1.62 -19.53
N TYR A 75 26.33 -1.49 -18.77
CA TYR A 75 25.79 -2.62 -18.03
C TYR A 75 25.30 -3.67 -19.03
N LEU A 76 24.61 -3.23 -20.06
CA LEU A 76 24.09 -4.13 -21.09
C LEU A 76 25.20 -4.80 -21.87
N ALA A 77 26.30 -4.09 -22.06
CA ALA A 77 27.42 -4.65 -22.82
C ALA A 77 28.28 -5.53 -21.96
N THR A 78 28.08 -5.48 -20.64
CA THR A 78 28.89 -6.25 -19.72
C THR A 78 28.21 -7.38 -18.95
N SER A 79 26.96 -7.19 -18.55
CA SER A 79 26.26 -8.21 -17.77
C SER A 79 26.05 -9.50 -18.51
N SER A 80 25.99 -10.59 -17.75
CA SER A 80 25.79 -11.91 -18.32
C SER A 80 24.36 -12.35 -18.08
N VAL A 81 23.55 -11.47 -17.49
CA VAL A 81 22.16 -11.78 -17.21
C VAL A 81 21.23 -11.29 -18.31
N ASN A 82 20.36 -12.17 -18.77
CA ASN A 82 19.41 -11.83 -19.82
C ASN A 82 18.29 -11.01 -19.20
N GLU A 83 17.80 -10.01 -19.91
CA GLU A 83 16.73 -9.19 -19.38
C GLU A 83 15.40 -9.92 -19.46
N GLY A 84 14.45 -9.49 -18.63
CA GLY A 84 13.13 -10.08 -18.60
C GLY A 84 12.47 -9.90 -19.95
N THR A 85 11.67 -10.88 -20.34
CA THR A 85 10.98 -10.83 -21.61
C THR A 85 9.56 -10.32 -21.37
N SER A 86 9.18 -10.29 -20.10
CA SER A 86 7.85 -9.85 -19.69
C SER A 86 6.82 -10.56 -20.56
N LYS A 87 6.64 -11.84 -20.26
CA LYS A 87 5.70 -12.71 -20.97
C LYS A 87 5.62 -14.04 -20.24
N GLU A 88 6.59 -14.29 -19.37
CA GLU A 88 6.63 -15.54 -18.61
C GLU A 88 5.61 -15.63 -17.49
N SER A 89 5.26 -16.87 -17.13
CA SER A 89 4.32 -17.11 -16.06
C SER A 89 5.04 -16.95 -14.73
N ALA A 90 4.28 -17.03 -13.64
CA ALA A 90 4.85 -16.90 -12.30
C ALA A 90 5.92 -17.98 -12.13
N GLU A 91 5.62 -19.17 -12.64
CA GLU A 91 6.53 -20.31 -12.58
C GLU A 91 7.84 -20.04 -13.29
N GLU A 92 7.72 -19.49 -14.50
CA GLU A 92 8.88 -19.18 -15.32
C GLU A 92 9.75 -18.13 -14.64
N MET A 93 9.12 -17.15 -14.03
CA MET A 93 9.85 -16.08 -13.35
C MET A 93 10.69 -16.65 -12.22
N VAL A 94 10.08 -17.51 -11.39
CA VAL A 94 10.82 -18.09 -10.27
C VAL A 94 11.95 -19.00 -10.77
N GLN A 95 11.67 -19.83 -11.77
CA GLN A 95 12.69 -20.73 -12.33
C GLN A 95 13.83 -19.91 -12.94
N THR A 96 13.48 -18.84 -13.61
CA THR A 96 14.48 -17.96 -14.24
C THR A 96 15.38 -17.37 -13.17
N LEU A 97 14.78 -16.96 -12.05
CA LEU A 97 15.54 -16.37 -10.96
C LEU A 97 16.46 -17.39 -10.31
N VAL A 98 15.98 -18.63 -10.20
CA VAL A 98 16.81 -19.69 -9.62
C VAL A 98 18.02 -19.83 -10.55
N ASN A 99 17.75 -19.82 -11.85
CA ASN A 99 18.81 -19.93 -12.85
C ASN A 99 19.75 -18.72 -12.79
N ASP A 100 19.18 -17.53 -12.71
CA ASP A 100 20.00 -16.33 -12.65
C ASP A 100 20.84 -16.29 -11.38
N TYR A 101 20.20 -16.55 -10.24
CA TYR A 101 20.94 -16.53 -8.98
C TYR A 101 22.02 -17.61 -9.00
N SER A 102 21.66 -18.78 -9.53
CA SER A 102 22.61 -19.89 -9.62
C SER A 102 23.85 -19.51 -10.43
N ALA A 103 23.64 -18.84 -11.56
CA ALA A 103 24.75 -18.43 -12.40
C ALA A 103 25.60 -17.39 -11.67
N LEU A 104 24.94 -16.48 -10.99
CA LEU A 104 25.63 -15.43 -10.25
C LEU A 104 26.44 -16.08 -9.12
N ILE A 105 25.88 -17.13 -8.52
CA ILE A 105 26.59 -17.86 -7.47
C ILE A 105 27.92 -18.39 -8.03
N GLN A 106 27.87 -18.96 -9.24
CA GLN A 106 29.05 -19.47 -9.90
C GLN A 106 30.05 -18.36 -10.22
N GLU A 107 29.55 -17.18 -10.58
CA GLU A 107 30.40 -16.03 -10.88
C GLU A 107 31.06 -15.56 -9.59
N LEU A 108 30.30 -15.53 -8.50
CA LEU A 108 30.83 -15.08 -7.21
C LEU A 108 31.96 -16.00 -6.76
N LYS A 109 31.76 -17.30 -6.93
CA LYS A 109 32.79 -18.29 -6.54
C LYS A 109 34.10 -17.98 -7.25
N GLU A 110 34.05 -17.76 -8.57
CA GLU A 110 35.25 -17.44 -9.31
C GLU A 110 35.79 -16.08 -8.86
N GLY A 111 34.87 -15.13 -8.69
CA GLY A 111 35.25 -13.78 -8.27
C GLY A 111 35.97 -13.79 -6.95
N MET A 112 35.56 -14.68 -6.06
CA MET A 112 36.21 -14.77 -4.76
C MET A 112 37.60 -15.40 -4.91
N GLU A 113 37.77 -16.22 -5.94
CA GLU A 113 39.07 -16.86 -6.21
C GLU A 113 40.05 -15.73 -6.57
N VAL A 114 39.61 -14.90 -7.51
CA VAL A 114 40.42 -13.79 -8.00
C VAL A 114 40.82 -12.82 -6.89
N ALA A 115 39.87 -12.41 -6.07
CA ALA A 115 40.17 -11.50 -4.97
C ALA A 115 41.16 -12.15 -4.01
N GLY A 116 40.97 -13.44 -3.74
CA GLY A 116 41.86 -14.13 -2.82
C GLY A 116 43.29 -14.20 -3.34
N GLU A 117 43.43 -14.49 -4.63
CA GLU A 117 44.75 -14.60 -5.24
C GLU A 117 45.41 -13.23 -5.42
N ALA A 118 44.65 -12.16 -5.19
CA ALA A 118 45.18 -10.79 -5.29
C ALA A 118 45.47 -10.26 -3.89
N GLY A 119 45.17 -11.10 -2.89
CA GLY A 119 45.37 -10.72 -1.51
C GLY A 119 44.35 -9.68 -1.06
N ASP A 120 43.16 -9.74 -1.65
CA ASP A 120 42.11 -8.79 -1.34
C ASP A 120 40.97 -9.43 -0.54
N ALA A 121 41.16 -9.51 0.77
CA ALA A 121 40.20 -10.11 1.69
C ALA A 121 38.88 -9.36 1.80
N THR A 122 38.91 -8.03 1.76
CA THR A 122 37.66 -7.27 1.87
C THR A 122 36.76 -7.52 0.67
N SER A 123 37.30 -7.41 -0.55
CA SER A 123 36.44 -7.64 -1.71
C SER A 123 35.94 -9.08 -1.71
N ALA A 124 36.79 -10.02 -1.31
CA ALA A 124 36.38 -11.43 -1.26
C ALA A 124 35.20 -11.60 -0.32
N ASP A 125 35.28 -10.94 0.84
CA ASP A 125 34.23 -11.01 1.85
C ASP A 125 32.91 -10.37 1.40
N MET A 126 33.01 -9.27 0.66
CA MET A 126 31.82 -8.60 0.15
C MET A 126 31.08 -9.55 -0.79
N LEU A 127 31.85 -10.12 -1.72
CA LEU A 127 31.30 -11.07 -2.68
C LEU A 127 30.69 -12.27 -1.95
N LEU A 128 31.36 -12.72 -0.88
CA LEU A 128 30.88 -13.87 -0.10
C LEU A 128 29.51 -13.58 0.48
N ALA A 129 29.36 -12.39 1.06
CA ALA A 129 28.11 -11.97 1.67
C ALA A 129 26.93 -12.10 0.70
N ILE A 130 27.12 -11.78 -0.57
CA ILE A 130 26.04 -11.93 -1.53
C ILE A 130 25.82 -13.40 -1.83
N HIS A 131 26.93 -14.11 -1.99
CA HIS A 131 26.90 -15.54 -2.29
C HIS A 131 26.05 -16.27 -1.24
N THR A 132 26.29 -15.94 0.02
CA THR A 132 25.57 -16.56 1.09
C THR A 132 24.06 -16.32 0.99
N THR A 133 23.66 -15.11 0.62
CA THR A 133 22.23 -14.81 0.52
C THR A 133 21.61 -15.45 -0.71
N LEU A 134 22.29 -15.40 -1.85
CA LEU A 134 21.76 -15.98 -3.07
C LEU A 134 21.53 -17.47 -2.91
N GLU A 135 22.42 -18.15 -2.19
CA GLU A 135 22.25 -19.57 -1.97
C GLU A 135 20.98 -19.80 -1.14
N GLN A 136 20.67 -18.88 -0.25
CA GLN A 136 19.46 -19.01 0.56
C GLN A 136 18.27 -18.80 -0.36
N HIS A 137 18.37 -17.81 -1.24
CA HIS A 137 17.30 -17.54 -2.17
C HIS A 137 17.02 -18.75 -3.06
N VAL A 138 18.07 -19.35 -3.59
CA VAL A 138 17.87 -20.49 -4.48
C VAL A 138 17.14 -21.64 -3.81
N TRP A 139 17.45 -21.93 -2.55
CA TRP A 139 16.77 -23.01 -1.83
C TRP A 139 15.28 -22.73 -1.71
N MET A 140 14.95 -21.54 -1.20
CA MET A 140 13.56 -21.17 -1.02
C MET A 140 12.79 -21.18 -2.34
N LEU A 141 13.38 -20.57 -3.38
CA LEU A 141 12.73 -20.51 -4.67
C LEU A 141 12.56 -21.89 -5.32
N SER A 142 13.56 -22.77 -5.14
CA SER A 142 13.47 -24.12 -5.69
C SER A 142 12.42 -24.91 -4.89
N ALA A 143 12.35 -24.65 -3.58
CA ALA A 143 11.38 -25.29 -2.70
C ALA A 143 9.98 -24.93 -3.19
N PHE A 144 9.78 -23.63 -3.49
CA PHE A 144 8.50 -23.12 -3.98
C PHE A 144 8.02 -23.91 -5.21
N LEU A 145 8.93 -24.18 -6.14
CA LEU A 145 8.62 -24.90 -7.36
C LEU A 145 8.43 -26.38 -7.04
N LYS A 146 8.37 -26.65 -5.74
CA LYS A 146 8.20 -27.98 -5.17
C LYS A 146 9.51 -28.75 -5.28
N SER B 1 -7.38 13.16 -25.26
CA SER B 1 -6.39 12.17 -24.76
C SER B 1 -7.07 10.82 -24.49
N THR B 2 -6.34 9.73 -24.70
CA THR B 2 -6.85 8.39 -24.44
C THR B 2 -6.01 7.77 -23.33
N LYS B 3 -6.48 6.65 -22.79
CA LYS B 3 -5.76 5.96 -21.73
C LYS B 3 -4.38 5.55 -22.26
N THR B 4 -4.34 5.19 -23.54
CA THR B 4 -3.10 4.79 -24.18
C THR B 4 -2.09 5.94 -24.23
N ASN B 5 -2.59 7.16 -24.44
CA ASN B 5 -1.73 8.34 -24.48
C ASN B 5 -1.08 8.52 -23.12
N VAL B 6 -1.88 8.31 -22.08
CA VAL B 6 -1.39 8.44 -20.71
C VAL B 6 -0.38 7.33 -20.38
N VAL B 7 -0.66 6.11 -20.85
CA VAL B 7 0.26 4.99 -20.63
C VAL B 7 1.61 5.34 -21.26
N GLU B 8 1.57 5.96 -22.43
CA GLU B 8 2.80 6.32 -23.12
C GLU B 8 3.56 7.38 -22.31
N VAL B 9 2.86 8.41 -21.83
CA VAL B 9 3.52 9.46 -21.07
C VAL B 9 4.13 8.87 -19.80
N LEU B 10 3.42 7.93 -19.18
CA LEU B 10 3.91 7.29 -17.96
C LEU B 10 5.15 6.45 -18.23
N ASN B 11 5.17 5.77 -19.37
CA ASN B 11 6.31 4.94 -19.70
C ASN B 11 7.56 5.74 -20.03
N LYS B 12 7.40 6.93 -20.58
CA LYS B 12 8.57 7.74 -20.89
C LYS B 12 9.25 8.09 -19.58
N GLN B 13 8.45 8.32 -18.55
CA GLN B 13 9.01 8.68 -17.26
C GLN B 13 9.60 7.46 -16.58
N VAL B 14 9.01 6.28 -16.81
CA VAL B 14 9.56 5.06 -16.22
C VAL B 14 10.98 4.93 -16.79
N ALA B 15 11.10 5.12 -18.11
CA ALA B 15 12.39 5.05 -18.77
C ALA B 15 13.33 6.14 -18.22
N ASN B 16 12.87 7.38 -18.19
CA ASN B 16 13.69 8.49 -17.68
C ASN B 16 14.20 8.24 -16.27
N TRP B 17 13.33 7.79 -15.37
CA TRP B 17 13.75 7.59 -14.00
C TRP B 17 14.68 6.41 -13.79
N ASN B 18 14.67 5.47 -14.73
CA ASN B 18 15.60 4.35 -14.64
C ASN B 18 16.95 4.87 -15.05
N VAL B 19 17.00 5.65 -16.14
CA VAL B 19 18.25 6.23 -16.62
C VAL B 19 18.82 7.18 -15.56
N LEU B 20 17.94 7.93 -14.89
CA LEU B 20 18.35 8.86 -13.84
C LEU B 20 18.85 8.11 -12.60
N TYR B 21 18.25 6.96 -12.32
CA TYR B 21 18.67 6.17 -11.18
C TYR B 21 20.15 5.83 -11.36
N VAL B 22 20.52 5.38 -12.56
CA VAL B 22 21.91 5.05 -12.87
C VAL B 22 22.80 6.29 -12.88
N LYS B 23 22.34 7.35 -13.54
CA LYS B 23 23.12 8.59 -13.62
C LYS B 23 23.39 9.18 -12.24
N LEU B 24 22.41 9.10 -11.34
CA LEU B 24 22.58 9.62 -10.00
C LEU B 24 23.59 8.78 -9.26
N HIS B 25 23.63 7.48 -9.55
CA HIS B 25 24.62 6.61 -8.94
C HIS B 25 26.00 7.04 -9.45
N ASN B 26 26.08 7.36 -10.75
CA ASN B 26 27.31 7.81 -11.41
C ASN B 26 27.89 9.02 -10.67
N TYR B 27 27.05 10.03 -10.49
CA TYR B 27 27.49 11.25 -9.82
C TYR B 27 27.78 11.02 -8.34
N HIS B 28 27.00 10.12 -7.73
CA HIS B 28 27.18 9.76 -6.33
C HIS B 28 28.58 9.15 -6.10
N TRP B 29 29.01 8.34 -7.07
CA TRP B 29 30.32 7.67 -7.01
C TRP B 29 31.50 8.52 -7.47
N TYR B 30 31.29 9.29 -8.52
CA TYR B 30 32.37 10.09 -9.11
C TYR B 30 32.59 11.50 -8.59
N VAL B 31 31.74 11.97 -7.67
CA VAL B 31 31.92 13.32 -7.14
C VAL B 31 33.23 13.43 -6.36
N THR B 32 33.89 14.57 -6.50
CA THR B 32 35.14 14.85 -5.79
C THR B 32 35.12 16.32 -5.43
N GLY B 33 36.10 16.76 -4.65
CA GLY B 33 36.16 18.16 -4.26
C GLY B 33 35.68 18.34 -2.84
N PRO B 34 35.93 19.51 -2.23
CA PRO B 34 35.53 19.79 -0.85
C PRO B 34 34.04 19.66 -0.57
N HIS B 35 33.24 19.56 -1.64
CA HIS B 35 31.80 19.39 -1.47
C HIS B 35 31.44 17.95 -1.76
N PHE B 36 32.40 17.05 -1.54
CA PHE B 36 32.17 15.62 -1.75
C PHE B 36 31.06 15.07 -0.87
N PHE B 37 31.20 15.28 0.44
CA PHE B 37 30.24 14.77 1.41
C PHE B 37 28.83 15.26 1.17
N THR B 38 28.69 16.54 0.82
CA THR B 38 27.38 17.13 0.55
C THR B 38 26.71 16.46 -0.64
N LEU B 39 27.36 16.53 -1.80
CA LEU B 39 26.84 15.96 -3.04
C LEU B 39 26.69 14.45 -2.99
N HIS B 40 27.70 13.75 -2.50
CA HIS B 40 27.65 12.30 -2.38
C HIS B 40 26.34 11.91 -1.69
N GLU B 41 26.07 12.53 -0.56
CA GLU B 41 24.84 12.24 0.19
C GLU B 41 23.60 12.68 -0.56
N LYS B 42 23.64 13.91 -1.05
CA LYS B 42 22.53 14.50 -1.79
C LYS B 42 22.08 13.62 -2.96
N PHE B 43 23.05 13.18 -3.74
CA PHE B 43 22.77 12.36 -4.91
C PHE B 43 22.17 11.03 -4.52
N GLU B 44 22.53 10.54 -3.34
CA GLU B 44 22.02 9.28 -2.82
C GLU B 44 20.53 9.43 -2.50
N GLU B 45 20.17 10.56 -1.88
CA GLU B 45 18.77 10.83 -1.56
C GLU B 45 18.00 10.91 -2.89
N PHE B 46 18.59 11.57 -3.87
CA PHE B 46 17.96 11.72 -5.18
C PHE B 46 17.72 10.38 -5.87
N TYR B 47 18.70 9.47 -5.82
CA TYR B 47 18.53 8.17 -6.46
C TYR B 47 17.47 7.36 -5.71
N ASN B 48 17.37 7.56 -4.40
CA ASN B 48 16.38 6.88 -3.57
C ASN B 48 14.99 7.28 -4.05
N GLU B 49 14.80 8.57 -4.35
CA GLU B 49 13.52 9.06 -4.83
C GLU B 49 13.28 8.49 -6.24
N ALA B 50 14.33 8.46 -7.05
CA ALA B 50 14.20 7.93 -8.41
C ALA B 50 13.65 6.49 -8.37
N GLY B 51 14.17 5.68 -7.45
CA GLY B 51 13.71 4.31 -7.32
C GLY B 51 12.25 4.21 -6.90
N THR B 52 11.81 5.06 -5.99
CA THR B 52 10.40 5.00 -5.57
C THR B 52 9.54 5.38 -6.76
N TYR B 53 10.00 6.37 -7.51
CA TYR B 53 9.25 6.83 -8.67
C TYR B 53 9.06 5.78 -9.76
N ILE B 54 10.09 4.97 -10.02
CA ILE B 54 9.96 3.98 -11.06
C ILE B 54 8.84 3.00 -10.73
N ASP B 55 8.79 2.55 -9.49
CA ASP B 55 7.78 1.58 -9.09
C ASP B 55 6.38 2.20 -9.09
N GLU B 56 6.28 3.46 -8.65
CA GLU B 56 4.99 4.15 -8.60
C GLU B 56 4.40 4.31 -10.00
N LEU B 57 5.19 4.87 -10.90
CA LEU B 57 4.75 5.10 -12.28
C LEU B 57 4.37 3.78 -12.95
N ALA B 58 5.22 2.76 -12.82
CA ALA B 58 4.95 1.47 -13.43
C ALA B 58 3.67 0.86 -12.87
N GLU B 59 3.45 0.95 -11.56
CA GLU B 59 2.26 0.37 -10.98
C GLU B 59 0.98 1.10 -11.34
N ARG B 60 1.10 2.37 -11.73
CA ARG B 60 -0.07 3.10 -12.16
C ARG B 60 -0.39 2.65 -13.57
N ILE B 61 0.63 2.33 -14.36
CA ILE B 61 0.36 1.85 -15.71
C ILE B 61 -0.32 0.47 -15.63
N LEU B 62 0.06 -0.35 -14.66
CA LEU B 62 -0.60 -1.65 -14.49
C LEU B 62 -2.05 -1.39 -14.09
N ALA B 63 -2.24 -0.40 -13.23
CA ALA B 63 -3.58 -0.03 -12.76
C ALA B 63 -4.47 0.33 -13.95
N LEU B 64 -3.90 0.92 -14.99
CA LEU B 64 -4.71 1.25 -16.15
C LEU B 64 -4.65 0.18 -17.25
N GLU B 65 -4.24 -1.04 -16.87
CA GLU B 65 -4.18 -2.18 -17.80
C GLU B 65 -3.10 -2.03 -18.88
N GLY B 66 -2.05 -1.26 -18.60
CA GLY B 66 -0.99 -1.09 -19.56
C GLY B 66 0.26 -1.94 -19.27
N LYS B 67 1.21 -1.92 -20.19
CA LYS B 67 2.46 -2.68 -20.04
C LYS B 67 3.61 -1.71 -19.70
N PRO B 68 4.15 -1.78 -18.47
CA PRO B 68 5.23 -0.84 -18.18
C PRO B 68 6.53 -1.29 -18.85
N LEU B 69 7.31 -0.35 -19.38
CA LEU B 69 8.58 -0.74 -20.00
C LEU B 69 9.40 -1.41 -18.90
N ALA B 70 9.98 -2.56 -19.19
CA ALA B 70 10.75 -3.27 -18.16
C ALA B 70 12.07 -3.91 -18.61
N THR B 71 12.77 -3.25 -19.51
CA THR B 71 14.08 -3.71 -19.95
C THR B 71 14.96 -2.49 -20.12
N MET B 72 16.24 -2.68 -19.88
CA MET B 72 17.22 -1.62 -20.00
C MET B 72 17.31 -1.18 -21.47
N LYS B 73 17.20 -2.14 -22.38
CA LYS B 73 17.25 -1.85 -23.80
C LYS B 73 16.15 -0.87 -24.17
N GLU B 74 14.98 -1.04 -23.56
CA GLU B 74 13.84 -0.17 -23.84
C GLU B 74 13.97 1.20 -23.18
N TYR B 75 14.56 1.24 -21.99
CA TYR B 75 14.74 2.52 -21.31
C TYR B 75 15.68 3.40 -22.12
N LEU B 76 16.75 2.80 -22.63
CA LEU B 76 17.73 3.53 -23.42
C LEU B 76 17.15 4.01 -24.74
N ALA B 77 16.24 3.22 -25.30
CA ALA B 77 15.65 3.58 -26.57
C ALA B 77 14.51 4.58 -26.39
N THR B 78 14.07 4.76 -25.14
CA THR B 78 12.95 5.65 -24.86
C THR B 78 13.24 6.93 -24.09
N SER B 79 14.15 6.86 -23.12
CA SER B 79 14.45 8.04 -22.30
C SER B 79 15.04 9.19 -23.07
N SER B 80 14.77 10.39 -22.58
CA SER B 80 15.27 11.60 -23.20
C SER B 80 16.45 12.15 -22.41
N VAL B 81 16.85 11.41 -21.37
CA VAL B 81 17.95 11.84 -20.52
C VAL B 81 19.27 11.19 -20.95
N ASN B 82 20.29 12.02 -21.10
CA ASN B 82 21.61 11.55 -21.49
C ASN B 82 22.26 10.90 -20.29
N GLU B 83 22.99 9.80 -20.49
CA GLU B 83 23.64 9.13 -19.38
C GLU B 83 24.89 9.90 -18.96
N GLY B 84 25.32 9.66 -17.71
CA GLY B 84 26.48 10.31 -17.17
C GLY B 84 27.70 9.94 -17.99
N THR B 85 28.63 10.86 -18.13
CA THR B 85 29.84 10.61 -18.89
C THR B 85 30.95 10.23 -17.94
N SER B 86 30.69 10.44 -16.65
CA SER B 86 31.64 10.14 -15.59
C SER B 86 32.99 10.73 -15.99
N LYS B 87 33.07 12.04 -15.88
CA LYS B 87 34.27 12.81 -16.20
C LYS B 87 34.06 14.25 -15.76
N GLU B 88 32.80 14.62 -15.51
CA GLU B 88 32.47 15.98 -15.10
C GLU B 88 32.85 16.30 -13.66
N SER B 89 33.04 17.60 -13.40
CA SER B 89 33.39 18.07 -12.07
C SER B 89 32.11 18.12 -11.23
N ALA B 90 32.26 18.42 -9.95
CA ALA B 90 31.12 18.52 -9.05
C ALA B 90 30.15 19.57 -9.58
N GLU B 91 30.72 20.66 -10.10
CA GLU B 91 29.94 21.74 -10.67
C GLU B 91 29.10 21.28 -11.86
N GLU B 92 29.75 20.54 -12.75
CA GLU B 92 29.10 20.03 -13.95
C GLU B 92 27.97 19.10 -13.58
N MET B 93 28.20 18.26 -12.58
CA MET B 93 27.18 17.31 -12.15
C MET B 93 25.94 18.03 -11.68
N VAL B 94 26.12 19.03 -10.83
CA VAL B 94 24.98 19.78 -10.31
C VAL B 94 24.25 20.52 -11.44
N GLN B 95 25.00 21.19 -12.31
CA GLN B 95 24.40 21.92 -13.44
C GLN B 95 23.65 20.96 -14.36
N THR B 96 24.23 19.79 -14.58
CA THR B 96 23.61 18.77 -15.43
C THR B 96 22.28 18.35 -14.83
N LEU B 97 22.26 18.18 -13.52
CA LEU B 97 21.04 17.76 -12.82
C LEU B 97 19.99 18.83 -12.87
N VAL B 98 20.40 20.09 -12.76
CA VAL B 98 19.46 21.20 -12.85
C VAL B 98 18.83 21.12 -14.24
N ASN B 99 19.68 20.90 -15.25
CA ASN B 99 19.23 20.78 -16.62
C ASN B 99 18.31 19.56 -16.80
N ASP B 100 18.72 18.42 -16.25
CA ASP B 100 17.91 17.21 -16.37
C ASP B 100 16.58 17.35 -15.66
N TYR B 101 16.61 17.84 -14.43
CA TYR B 101 15.38 18.02 -13.68
C TYR B 101 14.49 19.02 -14.40
N SER B 102 15.10 20.10 -14.89
CA SER B 102 14.36 21.14 -15.60
C SER B 102 13.62 20.56 -16.82
N ALA B 103 14.30 19.71 -17.59
CA ALA B 103 13.71 19.10 -18.77
C ALA B 103 12.56 18.18 -18.36
N LEU B 104 12.78 17.42 -17.29
CA LEU B 104 11.78 16.50 -16.78
C LEU B 104 10.58 17.30 -16.31
N ILE B 105 10.83 18.46 -15.70
CA ILE B 105 9.74 19.33 -15.26
C ILE B 105 8.85 19.69 -16.47
N GLN B 106 9.49 20.04 -17.58
CA GLN B 106 8.78 20.39 -18.80
C GLN B 106 8.01 19.18 -19.35
N GLU B 107 8.57 17.98 -19.22
CA GLU B 107 7.90 16.76 -19.68
C GLU B 107 6.69 16.50 -18.79
N LEU B 108 6.86 16.69 -17.48
CA LEU B 108 5.76 16.47 -16.54
C LEU B 108 4.59 17.40 -16.84
N LYS B 109 4.90 18.67 -17.12
CA LYS B 109 3.87 19.65 -17.45
C LYS B 109 3.03 19.15 -18.62
N GLU B 110 3.68 18.71 -19.70
CA GLU B 110 2.95 18.21 -20.85
C GLU B 110 2.20 16.94 -20.48
N GLY B 111 2.88 16.06 -19.74
CA GLY B 111 2.31 14.80 -19.32
C GLY B 111 1.05 15.01 -18.51
N MET B 112 1.03 16.07 -17.70
CA MET B 112 -0.15 16.35 -16.90
C MET B 112 -1.28 16.88 -17.79
N GLU B 113 -0.91 17.49 -18.92
CA GLU B 113 -1.90 18.01 -19.86
C GLU B 113 -2.64 16.82 -20.43
N VAL B 114 -1.85 15.84 -20.89
CA VAL B 114 -2.38 14.63 -21.49
C VAL B 114 -3.30 13.85 -20.56
N ALA B 115 -2.86 13.64 -19.33
CA ALA B 115 -3.68 12.92 -18.36
C ALA B 115 -4.98 13.69 -18.11
N GLY B 116 -4.89 15.01 -18.00
CA GLY B 116 -6.07 15.82 -17.77
C GLY B 116 -7.08 15.74 -18.89
N GLU B 117 -6.58 15.78 -20.13
CA GLU B 117 -7.45 15.71 -21.29
C GLU B 117 -8.02 14.31 -21.51
N ALA B 118 -7.51 13.32 -20.77
CA ALA B 118 -8.00 11.94 -20.87
C ALA B 118 -8.92 11.67 -19.69
N GLY B 119 -9.08 12.68 -18.84
CA GLY B 119 -9.94 12.54 -17.67
C GLY B 119 -9.29 11.65 -16.62
N ASP B 120 -7.96 11.64 -16.58
CA ASP B 120 -7.22 10.82 -15.65
C ASP B 120 -6.57 11.63 -14.53
N ALA B 121 -7.36 11.93 -13.52
CA ALA B 121 -6.92 12.73 -12.37
C ALA B 121 -5.83 12.07 -11.53
N THR B 122 -5.90 10.76 -11.33
CA THR B 122 -4.89 10.09 -10.52
C THR B 122 -3.51 10.16 -11.17
N SER B 123 -3.42 9.81 -12.45
CA SER B 123 -2.10 9.87 -13.10
C SER B 123 -1.60 11.31 -13.12
N ALA B 124 -2.50 12.27 -13.33
CA ALA B 124 -2.09 13.67 -13.36
C ALA B 124 -1.49 14.06 -12.01
N ASP B 125 -2.13 13.62 -10.93
CA ASP B 125 -1.68 13.91 -9.58
C ASP B 125 -0.34 13.28 -9.25
N MET B 126 -0.13 12.05 -9.73
CA MET B 126 1.13 11.35 -9.49
C MET B 126 2.26 12.16 -10.13
N LEU B 127 2.06 12.53 -11.38
CA LEU B 127 3.03 13.30 -12.12
C LEU B 127 3.27 14.65 -11.43
N LEU B 128 2.21 15.25 -10.91
CA LEU B 128 2.32 16.54 -10.21
C LEU B 128 3.24 16.41 -9.00
N ALA B 129 3.06 15.35 -8.23
CA ALA B 129 3.85 15.10 -7.04
C ALA B 129 5.34 15.10 -7.33
N ILE B 130 5.75 14.57 -8.48
CA ILE B 130 7.17 14.59 -8.83
C ILE B 130 7.56 15.99 -9.23
N HIS B 131 6.70 16.61 -10.03
CA HIS B 131 6.92 17.97 -10.52
C HIS B 131 7.20 18.91 -9.34
N THR B 132 6.40 18.79 -8.30
CA THR B 132 6.56 19.62 -7.13
C THR B 132 7.93 19.44 -6.49
N THR B 133 8.39 18.19 -6.39
CA THR B 133 9.68 17.94 -5.77
C THR B 133 10.85 18.39 -6.64
N LEU B 134 10.78 18.11 -7.94
CA LEU B 134 11.85 18.49 -8.85
C LEU B 134 12.04 20.00 -8.87
N GLU B 135 10.95 20.75 -8.78
CA GLU B 135 11.06 22.19 -8.77
C GLU B 135 11.79 22.63 -7.50
N GLN B 136 11.61 21.88 -6.41
CA GLN B 136 12.30 22.21 -5.18
C GLN B 136 13.78 21.90 -5.37
N HIS B 137 14.05 20.77 -6.00
CA HIS B 137 15.43 20.39 -6.25
C HIS B 137 16.14 21.42 -7.11
N VAL B 138 15.49 21.88 -8.17
CA VAL B 138 16.14 22.85 -9.04
C VAL B 138 16.53 24.12 -8.32
N TRP B 139 15.67 24.61 -7.43
CA TRP B 139 15.99 25.84 -6.69
C TRP B 139 17.22 25.65 -5.83
N MET B 140 17.22 24.59 -5.03
CA MET B 140 18.34 24.32 -4.15
C MET B 140 19.64 24.12 -4.93
N LEU B 141 19.59 23.32 -6.00
CA LEU B 141 20.77 23.07 -6.80
C LEU B 141 21.27 24.32 -7.52
N SER B 142 20.35 25.17 -7.98
CA SER B 142 20.74 26.41 -8.66
C SER B 142 21.34 27.37 -7.62
N ALA B 143 20.76 27.34 -6.41
CA ALA B 143 21.24 28.17 -5.31
C ALA B 143 22.69 27.79 -5.01
N PHE B 144 22.94 26.48 -4.93
CA PHE B 144 24.29 25.93 -4.68
C PHE B 144 25.33 26.52 -5.64
N LEU B 145 24.97 26.57 -6.93
CA LEU B 145 25.85 27.10 -7.97
C LEU B 145 25.94 28.60 -7.87
N LYS B 146 25.39 29.10 -6.75
CA LYS B 146 25.32 30.52 -6.43
C LYS B 146 24.26 31.20 -7.27
N SER C 1 -25.32 -25.75 29.16
CA SER C 1 -25.00 -24.91 27.95
C SER C 1 -24.31 -25.76 26.89
N THR C 2 -24.56 -25.44 25.62
CA THR C 2 -23.91 -26.14 24.52
C THR C 2 -23.04 -25.15 23.75
N LYS C 3 -22.20 -25.65 22.86
CA LYS C 3 -21.32 -24.80 22.07
C LYS C 3 -22.19 -23.85 21.24
N THR C 4 -23.34 -24.35 20.80
CA THR C 4 -24.27 -23.55 20.01
C THR C 4 -24.83 -22.38 20.81
N ASN C 5 -25.07 -22.61 22.10
CA ASN C 5 -25.58 -21.55 22.98
C ASN C 5 -24.54 -20.44 23.06
N VAL C 6 -23.28 -20.84 23.17
CA VAL C 6 -22.18 -19.89 23.26
C VAL C 6 -22.01 -19.14 21.93
N VAL C 7 -22.14 -19.85 20.81
CA VAL C 7 -22.05 -19.21 19.50
C VAL C 7 -23.13 -18.13 19.39
N GLU C 8 -24.32 -18.44 19.91
CA GLU C 8 -25.40 -17.48 19.85
C GLU C 8 -25.07 -16.24 20.70
N VAL C 9 -24.59 -16.45 21.93
CA VAL C 9 -24.26 -15.33 22.78
C VAL C 9 -23.18 -14.47 22.13
N LEU C 10 -22.21 -15.12 21.50
CA LEU C 10 -21.12 -14.41 20.84
C LEU C 10 -21.63 -13.59 19.65
N ASN C 11 -22.59 -14.14 18.92
CA ASN C 11 -23.12 -13.43 17.77
C ASN C 11 -23.96 -12.23 18.14
N LYS C 12 -24.63 -12.28 19.29
CA LYS C 12 -25.42 -11.13 19.71
C LYS C 12 -24.47 -9.97 19.95
N GLN C 13 -23.28 -10.27 20.47
CA GLN C 13 -22.33 -9.22 20.74
C GLN C 13 -21.68 -8.75 19.46
N VAL C 14 -21.51 -9.65 18.49
CA VAL C 14 -20.92 -9.25 17.21
C VAL C 14 -21.89 -8.19 16.63
N ALA C 15 -23.19 -8.51 16.67
CA ALA C 15 -24.20 -7.59 16.19
C ALA C 15 -24.18 -6.28 17.00
N ASN C 16 -24.19 -6.40 18.33
CA ASN C 16 -24.18 -5.20 19.18
C ASN C 16 -22.99 -4.29 18.91
N TRP C 17 -21.79 -4.87 18.80
CA TRP C 17 -20.62 -4.05 18.57
C TRP C 17 -20.52 -3.43 17.19
N ASN C 18 -21.24 -4.00 16.24
CA ASN C 18 -21.25 -3.42 14.91
C ASN C 18 -22.16 -2.20 14.98
N VAL C 19 -23.32 -2.36 15.62
CA VAL C 19 -24.26 -1.26 15.78
C VAL C 19 -23.62 -0.13 16.61
N LEU C 20 -22.83 -0.50 17.62
CA LEU C 20 -22.14 0.47 18.48
C LEU C 20 -21.03 1.16 17.71
N TYR C 21 -20.38 0.44 16.80
CA TYR C 21 -19.31 1.04 16.01
C TYR C 21 -19.90 2.22 15.24
N VAL C 22 -21.06 2.01 14.62
CA VAL C 22 -21.74 3.08 13.88
C VAL C 22 -22.24 4.20 14.81
N LYS C 23 -22.88 3.80 15.90
CA LYS C 23 -23.42 4.78 16.86
C LYS C 23 -22.32 5.66 17.46
N LEU C 24 -21.16 5.06 17.71
CA LEU C 24 -20.04 5.81 18.27
C LEU C 24 -19.53 6.79 17.22
N HIS C 25 -19.60 6.40 15.95
CA HIS C 25 -19.19 7.31 14.89
C HIS C 25 -20.19 8.48 14.86
N ASN C 26 -21.47 8.16 15.03
CA ASN C 26 -22.56 9.15 15.07
C ASN C 26 -22.25 10.22 16.11
N TYR C 27 -21.99 9.79 17.34
CA TYR C 27 -21.71 10.71 18.42
C TYR C 27 -20.38 11.45 18.21
N HIS C 28 -19.42 10.75 17.63
CA HIS C 28 -18.10 11.31 17.34
C HIS C 28 -18.24 12.51 16.37
N TRP C 29 -19.14 12.36 15.41
CA TRP C 29 -19.38 13.39 14.39
C TRP C 29 -20.34 14.50 14.82
N TYR C 30 -21.39 14.14 15.55
CA TYR C 30 -22.40 15.10 15.95
C TYR C 30 -22.23 15.82 17.28
N VAL C 31 -21.18 15.49 18.04
CA VAL C 31 -20.97 16.17 19.32
C VAL C 31 -20.67 17.65 19.10
N THR C 32 -21.22 18.48 19.98
CA THR C 32 -21.00 19.93 19.95
C THR C 32 -20.91 20.40 21.38
N GLY C 33 -20.58 21.67 21.57
CA GLY C 33 -20.45 22.19 22.92
C GLY C 33 -19.00 22.32 23.35
N PRO C 34 -18.72 23.05 24.43
CA PRO C 34 -17.35 23.25 24.92
C PRO C 34 -16.60 21.96 25.24
N HIS C 35 -17.32 20.85 25.30
CA HIS C 35 -16.67 19.57 25.57
C HIS C 35 -16.57 18.78 24.26
N PHE C 36 -16.52 19.51 23.15
CA PHE C 36 -16.42 18.87 21.85
C PHE C 36 -15.15 18.05 21.70
N PHE C 37 -14.01 18.68 21.95
CA PHE C 37 -12.71 18.04 21.80
C PHE C 37 -12.57 16.79 22.66
N THR C 38 -13.06 16.86 23.90
CA THR C 38 -13.00 15.73 24.82
C THR C 38 -13.79 14.53 24.29
N LEU C 39 -15.09 14.73 24.09
CA LEU C 39 -15.97 13.68 23.60
C LEU C 39 -15.63 13.19 22.19
N HIS C 40 -15.38 14.12 21.28
CA HIS C 40 -15.01 13.76 19.92
C HIS C 40 -13.88 12.72 19.99
N GLU C 41 -12.83 13.03 20.73
CA GLU C 41 -11.70 12.12 20.86
C GLU C 41 -12.07 10.83 21.58
N LYS C 42 -12.76 10.99 22.71
CA LYS C 42 -13.18 9.87 23.54
C LYS C 42 -13.98 8.85 22.75
N PHE C 43 -14.96 9.34 21.99
CA PHE C 43 -15.82 8.47 21.20
C PHE C 43 -15.03 7.73 20.13
N GLU C 44 -13.96 8.35 19.66
CA GLU C 44 -13.11 7.76 18.63
C GLU C 44 -12.36 6.58 19.23
N GLU C 45 -11.86 6.74 20.45
CA GLU C 45 -11.17 5.66 21.14
C GLU C 45 -12.16 4.51 21.33
N PHE C 46 -13.38 4.86 21.74
CA PHE C 46 -14.44 3.88 21.96
C PHE C 46 -14.78 3.08 20.69
N TYR C 47 -14.88 3.76 19.55
CA TYR C 47 -15.20 3.07 18.31
C TYR C 47 -14.03 2.18 17.90
N ASN C 48 -12.80 2.60 18.23
CA ASN C 48 -11.61 1.82 17.91
C ASN C 48 -11.67 0.49 18.65
N GLU C 49 -12.11 0.53 19.92
CA GLU C 49 -12.23 -0.68 20.72
C GLU C 49 -13.37 -1.51 20.15
N ALA C 50 -14.46 -0.87 19.75
CA ALA C 50 -15.60 -1.60 19.17
C ALA C 50 -15.15 -2.43 17.97
N GLY C 51 -14.31 -1.83 17.12
CA GLY C 51 -13.80 -2.54 15.95
C GLY C 51 -12.94 -3.74 16.30
N THR C 52 -12.08 -3.61 17.31
CA THR C 52 -11.25 -4.74 17.68
C THR C 52 -12.14 -5.84 18.21
N TYR C 53 -13.17 -5.45 18.97
CA TYR C 53 -14.07 -6.43 19.54
C TYR C 53 -14.86 -7.23 18.50
N ILE C 54 -15.29 -6.59 17.43
CA ILE C 54 -16.05 -7.32 16.44
C ILE C 54 -15.23 -8.47 15.84
N ASP C 55 -13.97 -8.17 15.52
CA ASP C 55 -13.11 -9.19 14.94
C ASP C 55 -12.77 -10.30 15.92
N GLU C 56 -12.55 -9.94 17.18
CA GLU C 56 -12.21 -10.91 18.22
C GLU C 56 -13.35 -11.90 18.45
N LEU C 57 -14.54 -11.36 18.68
CA LEU C 57 -15.72 -12.20 18.91
C LEU C 57 -16.00 -13.10 17.72
N ALA C 58 -15.98 -12.53 16.52
CA ALA C 58 -16.24 -13.31 15.32
C ALA C 58 -15.21 -14.41 15.13
N GLU C 59 -13.94 -14.12 15.39
CA GLU C 59 -12.91 -15.14 15.20
C GLU C 59 -12.97 -16.24 16.26
N ARG C 60 -13.58 -15.96 17.41
CA ARG C 60 -13.74 -16.98 18.41
C ARG C 60 -14.86 -17.88 17.96
N ILE C 61 -15.89 -17.32 17.32
CA ILE C 61 -16.97 -18.16 16.83
C ILE C 61 -16.45 -19.08 15.72
N LEU C 62 -15.52 -18.60 14.90
CA LEU C 62 -14.94 -19.45 13.86
C LEU C 62 -14.16 -20.57 14.56
N ALA C 63 -13.46 -20.19 15.62
CA ALA C 63 -12.67 -21.14 16.40
C ALA C 63 -13.54 -22.28 16.90
N LEU C 64 -14.79 -21.99 17.23
CA LEU C 64 -15.68 -23.05 17.69
C LEU C 64 -16.54 -23.64 16.57
N GLU C 65 -16.10 -23.44 15.31
CA GLU C 65 -16.80 -23.98 14.15
C GLU C 65 -18.19 -23.36 13.91
N GLY C 66 -18.38 -22.12 14.35
CA GLY C 66 -19.66 -21.46 14.13
C GLY C 66 -19.63 -20.45 12.99
N LYS C 67 -20.80 -19.89 12.65
CA LYS C 67 -20.91 -18.89 11.58
C LYS C 67 -21.13 -17.51 12.20
N PRO C 68 -20.14 -16.60 12.07
CA PRO C 68 -20.38 -15.29 12.67
C PRO C 68 -21.34 -14.47 11.81
N LEU C 69 -22.23 -13.72 12.45
CA LEU C 69 -23.15 -12.89 11.67
C LEU C 69 -22.27 -11.93 10.88
N ALA C 70 -22.54 -11.79 9.58
CA ALA C 70 -21.71 -10.90 8.77
C ALA C 70 -22.44 -10.04 7.74
N THR C 71 -23.62 -9.55 8.11
CA THR C 71 -24.37 -8.63 7.26
C THR C 71 -25.01 -7.59 8.16
N MET C 72 -25.16 -6.40 7.62
CA MET C 72 -25.77 -5.30 8.34
C MET C 72 -27.23 -5.63 8.63
N LYS C 73 -27.89 -6.28 7.68
CA LYS C 73 -29.28 -6.67 7.83
C LYS C 73 -29.44 -7.55 9.06
N GLU C 74 -28.47 -8.44 9.27
CA GLU C 74 -28.51 -9.35 10.41
C GLU C 74 -28.17 -8.67 11.73
N TYR C 75 -27.25 -7.72 11.70
CA TYR C 75 -26.88 -6.99 12.92
C TYR C 75 -28.10 -6.21 13.43
N LEU C 76 -28.80 -5.57 12.50
CA LEU C 76 -29.98 -4.78 12.86
C LEU C 76 -31.11 -5.66 13.39
N ALA C 77 -31.21 -6.87 12.86
CA ALA C 77 -32.27 -7.77 13.28
C ALA C 77 -31.90 -8.48 14.57
N THR C 78 -30.64 -8.40 14.96
CA THR C 78 -30.17 -9.09 16.15
C THR C 78 -29.75 -8.24 17.35
N SER C 79 -29.12 -7.09 17.09
CA SER C 79 -28.65 -6.25 18.19
C SER C 79 -29.76 -5.70 19.06
N SER C 80 -29.42 -5.47 20.32
CA SER C 80 -30.37 -4.94 21.29
C SER C 80 -30.08 -3.47 21.52
N VAL C 81 -29.12 -2.92 20.79
CA VAL C 81 -28.74 -1.52 20.94
C VAL C 81 -29.45 -0.64 19.91
N ASN C 82 -30.06 0.43 20.39
CA ASN C 82 -30.77 1.37 19.53
C ASN C 82 -29.74 2.22 18.81
N GLU C 83 -29.98 2.53 17.54
CA GLU C 83 -29.05 3.36 16.80
C GLU C 83 -29.18 4.82 17.20
N GLY C 84 -28.11 5.59 16.95
CA GLY C 84 -28.10 7.00 17.28
C GLY C 84 -29.18 7.71 16.50
N THR C 85 -29.77 8.74 17.11
CA THR C 85 -30.82 9.48 16.45
C THR C 85 -30.22 10.73 15.84
N SER C 86 -28.96 11.00 16.21
CA SER C 86 -28.24 12.17 15.72
C SER C 86 -29.13 13.39 15.88
N LYS C 87 -29.27 13.83 17.13
CA LYS C 87 -30.09 14.98 17.48
C LYS C 87 -29.86 15.30 18.96
N GLU C 88 -29.28 14.34 19.68
CA GLU C 88 -29.02 14.51 21.11
C GLU C 88 -27.86 15.45 21.42
N SER C 89 -27.89 16.02 22.61
CA SER C 89 -26.84 16.92 23.07
C SER C 89 -25.66 16.08 23.53
N ALA C 90 -24.57 16.75 23.88
CA ALA C 90 -23.37 16.07 24.36
C ALA C 90 -23.74 15.25 25.60
N GLU C 91 -24.59 15.84 26.44
CA GLU C 91 -25.06 15.21 27.67
C GLU C 91 -25.83 13.92 27.38
N GLU C 92 -26.73 14.01 26.42
CA GLU C 92 -27.55 12.88 26.03
C GLU C 92 -26.70 11.75 25.48
N MET C 93 -25.69 12.11 24.70
CA MET C 93 -24.82 11.11 24.11
C MET C 93 -24.09 10.33 25.20
N VAL C 94 -23.52 11.04 26.16
CA VAL C 94 -22.80 10.38 27.24
C VAL C 94 -23.74 9.51 28.09
N GLN C 95 -24.91 10.04 28.44
CA GLN C 95 -25.89 9.28 29.23
C GLN C 95 -26.35 8.04 28.47
N THR C 96 -26.56 8.19 27.16
CA THR C 96 -26.98 7.09 26.31
C THR C 96 -25.92 6.00 26.32
N LEU C 97 -24.66 6.40 26.26
CA LEU C 97 -23.55 5.45 26.26
C LEU C 97 -23.45 4.73 27.60
N VAL C 98 -23.68 5.46 28.69
CA VAL C 98 -23.66 4.84 30.00
C VAL C 98 -24.74 3.76 30.00
N ASN C 99 -25.91 4.13 29.47
CA ASN C 99 -27.02 3.20 29.39
C ASN C 99 -26.69 2.01 28.48
N ASP C 100 -26.13 2.30 27.30
CA ASP C 100 -25.77 1.23 26.37
C ASP C 100 -24.71 0.32 26.96
N TYR C 101 -23.65 0.91 27.50
CA TYR C 101 -22.59 0.09 28.09
C TYR C 101 -23.14 -0.73 29.25
N SER C 102 -23.97 -0.09 30.07
CA SER C 102 -24.59 -0.76 31.21
C SER C 102 -25.40 -1.98 30.79
N ALA C 103 -26.18 -1.85 29.72
CA ALA C 103 -26.98 -2.96 29.22
C ALA C 103 -26.08 -4.07 28.69
N LEU C 104 -25.02 -3.68 27.99
CA LEU C 104 -24.08 -4.64 27.45
C LEU C 104 -23.39 -5.36 28.59
N ILE C 105 -23.11 -4.63 29.68
CA ILE C 105 -22.48 -5.24 30.85
C ILE C 105 -23.39 -6.38 31.36
N GLN C 106 -24.70 -6.10 31.42
CA GLN C 106 -25.67 -7.10 31.87
C GLN C 106 -25.73 -8.28 30.91
N GLU C 107 -25.58 -8.02 29.61
CA GLU C 107 -25.59 -9.08 28.61
C GLU C 107 -24.34 -9.92 28.76
N LEU C 108 -23.20 -9.27 29.00
CA LEU C 108 -21.93 -9.99 29.16
C LEU C 108 -22.00 -10.92 30.37
N LYS C 109 -22.58 -10.43 31.47
CA LYS C 109 -22.72 -11.24 32.69
C LYS C 109 -23.47 -12.53 32.38
N GLU C 110 -24.59 -12.42 31.68
CA GLU C 110 -25.35 -13.62 31.33
C GLU C 110 -24.55 -14.47 30.36
N GLY C 111 -23.93 -13.81 29.38
CA GLY C 111 -23.14 -14.50 28.38
C GLY C 111 -22.02 -15.29 28.99
N MET C 112 -21.43 -14.77 30.06
CA MET C 112 -20.36 -15.47 30.74
C MET C 112 -20.92 -16.68 31.50
N GLU C 113 -22.19 -16.59 31.89
CA GLU C 113 -22.85 -17.69 32.61
C GLU C 113 -22.94 -18.87 31.63
N VAL C 114 -23.45 -18.56 30.44
CA VAL C 114 -23.65 -19.54 29.39
C VAL C 114 -22.36 -20.24 28.99
N ALA C 115 -21.30 -19.45 28.76
CA ALA C 115 -20.02 -20.02 28.38
C ALA C 115 -19.51 -20.92 29.50
N GLY C 116 -19.66 -20.47 30.75
CA GLY C 116 -19.19 -21.26 31.88
C GLY C 116 -19.91 -22.60 32.00
N GLU C 117 -21.22 -22.57 31.81
CA GLU C 117 -22.02 -23.79 31.90
C GLU C 117 -21.82 -24.72 30.72
N ALA C 118 -21.11 -24.24 29.69
CA ALA C 118 -20.82 -25.04 28.50
C ALA C 118 -19.38 -25.54 28.58
N GLY C 119 -18.70 -25.14 29.66
CA GLY C 119 -17.32 -25.53 29.86
C GLY C 119 -16.39 -24.79 28.91
N ASP C 120 -16.79 -23.59 28.52
CA ASP C 120 -16.01 -22.79 27.57
C ASP C 120 -15.31 -21.60 28.26
N ALA C 121 -14.16 -21.88 28.85
CA ALA C 121 -13.37 -20.88 29.56
C ALA C 121 -12.81 -19.76 28.69
N THR C 122 -12.39 -20.08 27.47
CA THR C 122 -11.84 -19.04 26.60
C THR C 122 -12.90 -18.01 26.22
N SER C 123 -14.07 -18.47 25.77
CA SER C 123 -15.10 -17.50 25.39
C SER C 123 -15.52 -16.69 26.62
N ALA C 124 -15.61 -17.35 27.78
CA ALA C 124 -15.99 -16.65 29.00
C ALA C 124 -14.99 -15.52 29.30
N ASP C 125 -13.71 -15.84 29.14
CA ASP C 125 -12.63 -14.88 29.39
C ASP C 125 -12.64 -13.70 28.41
N MET C 126 -12.96 -13.99 27.15
CA MET C 126 -13.02 -12.93 26.14
C MET C 126 -14.10 -11.94 26.53
N LEU C 127 -15.28 -12.48 26.84
CA LEU C 127 -16.41 -11.67 27.26
C LEU C 127 -16.06 -10.88 28.53
N LEU C 128 -15.34 -11.51 29.44
CA LEU C 128 -14.93 -10.85 30.69
C LEU C 128 -14.08 -9.62 30.40
N ALA C 129 -13.13 -9.78 29.49
CA ALA C 129 -12.23 -8.70 29.11
C ALA C 129 -12.99 -7.45 28.67
N ILE C 130 -14.08 -7.61 27.95
CA ILE C 130 -14.86 -6.45 27.53
C ILE C 130 -15.61 -5.90 28.73
N HIS C 131 -16.19 -6.80 29.51
CA HIS C 131 -16.94 -6.44 30.70
C HIS C 131 -16.09 -5.54 31.61
N THR C 132 -14.84 -5.94 31.81
CA THR C 132 -13.95 -5.17 32.65
C THR C 132 -13.74 -3.75 32.13
N THR C 133 -13.60 -3.60 30.81
CA THR C 133 -13.38 -2.28 30.25
C THR C 133 -14.64 -1.42 30.27
N LEU C 134 -15.79 -2.02 29.93
CA LEU C 134 -17.04 -1.29 29.91
C LEU C 134 -17.38 -0.75 31.29
N GLU C 135 -17.07 -1.52 32.33
CA GLU C 135 -17.34 -1.05 33.68
C GLU C 135 -16.45 0.16 33.98
N GLN C 136 -15.26 0.19 33.40
CA GLN C 136 -14.38 1.33 33.60
C GLN C 136 -14.98 2.51 32.87
N HIS C 137 -15.47 2.28 31.65
CA HIS C 137 -16.09 3.33 30.88
C HIS C 137 -17.28 3.93 31.60
N VAL C 138 -18.13 3.08 32.15
CA VAL C 138 -19.32 3.60 32.82
C VAL C 138 -18.99 4.52 33.97
N TRP C 139 -17.97 4.18 34.77
CA TRP C 139 -17.58 5.02 35.90
C TRP C 139 -17.14 6.40 35.43
N MET C 140 -16.21 6.41 34.47
CA MET C 140 -15.70 7.67 33.94
C MET C 140 -16.81 8.52 33.33
N LEU C 141 -17.66 7.89 32.51
CA LEU C 141 -18.75 8.62 31.86
C LEU C 141 -19.79 9.13 32.85
N SER C 142 -20.06 8.35 33.90
CA SER C 142 -21.03 8.76 34.91
C SER C 142 -20.41 9.89 35.74
N ALA C 143 -19.09 9.81 35.97
CA ALA C 143 -18.35 10.83 36.71
C ALA C 143 -18.47 12.15 35.94
N PHE C 144 -18.28 12.08 34.63
CA PHE C 144 -18.37 13.25 33.74
C PHE C 144 -19.70 13.99 33.92
N LEU C 145 -20.79 13.23 33.99
CA LEU C 145 -22.12 13.79 34.15
C LEU C 145 -22.30 14.27 35.58
N LYS C 146 -21.19 14.28 36.30
CA LYS C 146 -21.10 14.69 37.69
C LYS C 146 -21.66 13.60 38.58
N SER D 1 -23.16 22.35 -10.01
CA SER D 1 -23.18 21.58 -8.73
C SER D 1 -23.29 22.52 -7.54
N THR D 2 -23.98 22.06 -6.49
CA THR D 2 -24.12 22.84 -5.25
C THR D 2 -23.45 22.07 -4.13
N LYS D 3 -23.26 22.73 -2.99
CA LYS D 3 -22.63 22.09 -1.85
C LYS D 3 -23.47 20.89 -1.43
N THR D 4 -24.78 21.03 -1.56
CA THR D 4 -25.69 19.94 -1.20
C THR D 4 -25.50 18.73 -2.10
N ASN D 5 -25.19 18.97 -3.38
CA ASN D 5 -24.96 17.86 -4.33
C ASN D 5 -23.73 17.09 -3.87
N VAL D 6 -22.71 17.83 -3.43
CA VAL D 6 -21.47 17.23 -2.96
C VAL D 6 -21.71 16.47 -1.65
N VAL D 7 -22.51 17.04 -0.76
CA VAL D 7 -22.83 16.37 0.50
C VAL D 7 -23.50 15.04 0.19
N GLU D 8 -24.36 15.03 -0.82
CA GLU D 8 -25.06 13.81 -1.18
C GLU D 8 -24.07 12.78 -1.70
N VAL D 9 -23.16 13.19 -2.60
CA VAL D 9 -22.20 12.25 -3.15
C VAL D 9 -21.32 11.69 -2.03
N LEU D 10 -20.96 12.53 -1.08
CA LEU D 10 -20.12 12.11 0.04
C LEU D 10 -20.85 11.11 0.91
N ASN D 11 -22.15 11.33 1.12
CA ASN D 11 -22.92 10.42 1.95
C ASN D 11 -23.13 9.06 1.33
N LYS D 12 -23.20 9.00 0.01
CA LYS D 12 -23.37 7.71 -0.64
C LYS D 12 -22.13 6.87 -0.36
N GLN D 13 -20.98 7.52 -0.33
CA GLN D 13 -19.75 6.80 -0.07
C GLN D 13 -19.62 6.44 1.39
N VAL D 14 -20.16 7.29 2.27
CA VAL D 14 -20.13 6.98 3.71
C VAL D 14 -20.91 5.67 3.86
N ALA D 15 -22.09 5.62 3.24
CA ALA D 15 -22.92 4.41 3.28
C ALA D 15 -22.17 3.23 2.66
N ASN D 16 -21.64 3.40 1.45
CA ASN D 16 -20.91 2.33 0.78
C ASN D 16 -19.77 1.77 1.61
N TRP D 17 -18.96 2.65 2.19
CA TRP D 17 -17.83 2.17 2.96
C TRP D 17 -18.18 1.51 4.29
N ASN D 18 -19.37 1.79 4.78
CA ASN D 18 -19.81 1.15 6.00
C ASN D 18 -20.22 -0.27 5.61
N VAL D 19 -20.96 -0.40 4.51
CA VAL D 19 -21.39 -1.70 4.02
C VAL D 19 -20.17 -2.55 3.65
N LEU D 20 -19.16 -1.90 3.07
CA LEU D 20 -17.92 -2.59 2.67
C LEU D 20 -17.12 -3.00 3.90
N TYR D 21 -17.16 -2.18 4.94
CA TYR D 21 -16.44 -2.50 6.16
C TYR D 21 -16.95 -3.85 6.66
N VAL D 22 -18.26 -4.02 6.69
CA VAL D 22 -18.87 -5.28 7.14
C VAL D 22 -18.60 -6.43 6.15
N LYS D 23 -18.76 -6.17 4.86
CA LYS D 23 -18.53 -7.18 3.83
C LYS D 23 -17.09 -7.68 3.85
N LEU D 24 -16.15 -6.78 4.09
CA LEU D 24 -14.74 -7.15 4.14
C LEU D 24 -14.49 -8.02 5.36
N HIS D 25 -15.22 -7.75 6.44
CA HIS D 25 -15.09 -8.57 7.64
C HIS D 25 -15.63 -9.97 7.30
N ASN D 26 -16.74 -10.01 6.55
CA ASN D 26 -17.37 -11.25 6.12
C ASN D 26 -16.36 -12.13 5.38
N TYR D 27 -15.71 -11.56 4.37
CA TYR D 27 -14.75 -12.30 3.58
C TYR D 27 -13.51 -12.65 4.41
N HIS D 28 -13.13 -11.75 5.31
CA HIS D 28 -11.98 -11.94 6.18
C HIS D 28 -12.20 -13.19 7.07
N TRP D 29 -13.43 -13.36 7.52
CA TRP D 29 -13.80 -14.49 8.38
C TRP D 29 -14.12 -15.78 7.66
N TYR D 30 -14.80 -15.68 6.52
CA TYR D 30 -15.22 -16.86 5.77
C TYR D 30 -14.28 -17.41 4.70
N VAL D 31 -13.15 -16.76 4.47
CA VAL D 31 -12.22 -17.27 3.47
C VAL D 31 -11.65 -18.62 3.88
N THR D 32 -11.48 -19.51 2.91
CA THR D 32 -10.92 -20.84 3.14
C THR D 32 -10.09 -21.17 1.92
N GLY D 33 -9.35 -22.28 1.98
CA GLY D 33 -8.52 -22.66 0.86
C GLY D 33 -7.06 -22.35 1.13
N PRO D 34 -6.13 -22.91 0.34
CA PRO D 34 -4.69 -22.69 0.51
C PRO D 34 -4.26 -21.22 0.47
N HIS D 35 -5.16 -20.34 0.02
CA HIS D 35 -4.85 -18.92 0.00
C HIS D 35 -5.56 -18.24 1.14
N PHE D 36 -5.80 -18.98 2.22
CA PHE D 36 -6.46 -18.43 3.39
C PHE D 36 -5.67 -17.30 4.03
N PHE D 37 -4.41 -17.58 4.36
CA PHE D 37 -3.55 -16.61 5.01
C PHE D 37 -3.39 -15.32 4.22
N THR D 38 -3.25 -15.45 2.89
CA THR D 38 -3.09 -14.29 2.02
C THR D 38 -4.33 -13.39 2.06
N LEU D 39 -5.47 -13.95 1.70
CA LEU D 39 -6.74 -13.23 1.67
C LEU D 39 -7.20 -12.75 3.04
N HIS D 40 -7.13 -13.62 4.04
CA HIS D 40 -7.51 -13.26 5.40
C HIS D 40 -6.81 -11.95 5.77
N GLU D 41 -5.50 -11.90 5.59
CA GLU D 41 -4.73 -10.71 5.91
C GLU D 41 -5.08 -9.53 5.01
N LYS D 42 -5.13 -9.81 3.71
CA LYS D 42 -5.43 -8.80 2.70
C LYS D 42 -6.75 -8.09 2.99
N PHE D 43 -7.78 -8.87 3.27
CA PHE D 43 -9.10 -8.33 3.54
C PHE D 43 -9.12 -7.48 4.81
N GLU D 44 -8.24 -7.81 5.74
CA GLU D 44 -8.12 -7.09 7.00
C GLU D 44 -7.55 -5.69 6.72
N GLU D 45 -6.54 -5.63 5.85
CA GLU D 45 -5.95 -4.36 5.48
C GLU D 45 -7.03 -3.53 4.78
N PHE D 46 -7.79 -4.17 3.90
CA PHE D 46 -8.86 -3.50 3.18
C PHE D 46 -9.93 -2.91 4.10
N TYR D 47 -10.34 -3.66 5.13
CA TYR D 47 -11.36 -3.17 6.05
C TYR D 47 -10.78 -2.01 6.89
N ASN D 48 -9.48 -2.06 7.15
CA ASN D 48 -8.81 -1.02 7.92
C ASN D 48 -8.90 0.29 7.13
N GLU D 49 -8.70 0.22 5.81
CA GLU D 49 -8.79 1.40 4.95
C GLU D 49 -10.25 1.85 4.91
N ALA D 50 -11.17 0.89 4.82
CA ALA D 50 -12.59 1.24 4.79
C ALA D 50 -12.97 2.08 6.01
N GLY D 51 -12.47 1.68 7.19
CA GLY D 51 -12.76 2.42 8.41
C GLY D 51 -12.19 3.83 8.39
N THR D 52 -10.98 4.02 7.88
CA THR D 52 -10.41 5.36 7.84
C THR D 52 -11.24 6.20 6.89
N TYR D 53 -11.68 5.59 5.80
CA TYR D 53 -12.48 6.31 4.82
C TYR D 53 -13.81 6.80 5.35
N ILE D 54 -14.49 5.99 6.16
CA ILE D 54 -15.78 6.43 6.66
C ILE D 54 -15.65 7.71 7.49
N ASP D 55 -14.64 7.77 8.34
CA ASP D 55 -14.45 8.93 9.18
C ASP D 55 -14.03 10.15 8.39
N GLU D 56 -13.18 9.95 7.38
CA GLU D 56 -12.70 11.05 6.53
C GLU D 56 -13.84 11.69 5.77
N LEU D 57 -14.61 10.86 5.07
CA LEU D 57 -15.74 11.35 4.28
C LEU D 57 -16.76 12.07 5.17
N ALA D 58 -17.12 11.44 6.29
CA ALA D 58 -18.09 12.04 7.19
C ALA D 58 -17.59 13.38 7.75
N GLU D 59 -16.31 13.45 8.10
CA GLU D 59 -15.79 14.71 8.64
C GLU D 59 -15.68 15.82 7.61
N ARG D 60 -15.62 15.45 6.33
CA ARG D 60 -15.59 16.47 5.29
C ARG D 60 -17.02 16.98 5.13
N ILE D 61 -18.02 16.11 5.29
CA ILE D 61 -19.39 16.58 5.19
C ILE D 61 -19.67 17.54 6.36
N LEU D 62 -19.11 17.28 7.54
CA LEU D 62 -19.31 18.19 8.67
C LEU D 62 -18.64 19.52 8.32
N ALA D 63 -17.47 19.43 7.71
CA ALA D 63 -16.71 20.60 7.31
C ALA D 63 -17.55 21.49 6.38
N LEU D 64 -18.40 20.88 5.56
CA LEU D 64 -19.24 21.68 4.69
C LEU D 64 -20.64 21.93 5.27
N GLU D 65 -20.75 21.79 6.60
CA GLU D 65 -22.02 22.04 7.30
C GLU D 65 -23.14 21.05 6.95
N GLY D 66 -22.76 19.84 6.56
CA GLY D 66 -23.77 18.83 6.23
C GLY D 66 -23.97 17.80 7.32
N LYS D 67 -24.96 16.92 7.14
CA LYS D 67 -25.26 15.86 8.11
C LYS D 67 -24.79 14.52 7.55
N PRO D 68 -23.76 13.90 8.16
CA PRO D 68 -23.32 12.62 7.61
C PRO D 68 -24.30 11.52 8.00
N LEU D 69 -24.58 10.58 7.08
CA LEU D 69 -25.48 9.49 7.43
C LEU D 69 -24.80 8.75 8.60
N ALA D 70 -25.56 8.47 9.65
CA ALA D 70 -24.98 7.79 10.81
C ALA D 70 -25.81 6.68 11.46
N THR D 71 -26.53 5.92 10.64
CA THR D 71 -27.28 4.77 11.14
C THR D 71 -27.15 3.67 10.11
N MET D 72 -27.18 2.44 10.60
CA MET D 72 -27.08 1.27 9.76
C MET D 72 -28.30 1.20 8.83
N LYS D 73 -29.45 1.58 9.36
CA LYS D 73 -30.68 1.58 8.58
C LYS D 73 -30.53 2.47 7.35
N GLU D 74 -29.84 3.60 7.52
CA GLU D 74 -29.64 4.53 6.43
C GLU D 74 -28.57 4.06 5.45
N TYR D 75 -27.54 3.40 5.94
CA TYR D 75 -26.49 2.89 5.06
C TYR D 75 -27.08 1.83 4.12
N LEU D 76 -27.91 0.96 4.68
CA LEU D 76 -28.55 -0.09 3.89
C LEU D 76 -29.52 0.47 2.87
N ALA D 77 -30.18 1.57 3.21
CA ALA D 77 -31.14 2.16 2.31
C ALA D 77 -30.45 3.04 1.28
N THR D 78 -29.18 3.33 1.49
CA THR D 78 -28.44 4.21 0.58
C THR D 78 -27.31 3.57 -0.25
N SER D 79 -26.58 2.64 0.33
CA SER D 79 -25.46 2.02 -0.38
C SER D 79 -25.87 1.26 -1.62
N SER D 80 -24.97 1.22 -2.58
CA SER D 80 -25.19 0.51 -3.83
C SER D 80 -24.44 -0.81 -3.82
N VAL D 81 -23.79 -1.12 -2.71
CA VAL D 81 -23.02 -2.35 -2.58
C VAL D 81 -23.84 -3.45 -1.91
N ASN D 82 -23.85 -4.62 -2.55
CA ASN D 82 -24.59 -5.77 -2.02
C ASN D 82 -23.78 -6.36 -0.88
N GLU D 83 -24.46 -6.80 0.18
CA GLU D 83 -23.76 -7.38 1.31
C GLU D 83 -23.28 -8.79 0.99
N GLY D 84 -22.29 -9.25 1.73
CA GLY D 84 -21.73 -10.58 1.54
C GLY D 84 -22.81 -11.60 1.81
N THR D 85 -22.76 -12.71 1.08
CA THR D 85 -23.72 -13.76 1.25
C THR D 85 -23.14 -14.84 2.15
N SER D 86 -21.84 -14.72 2.38
CA SER D 86 -21.11 -15.68 3.21
C SER D 86 -21.47 -17.08 2.76
N LYS D 87 -20.91 -17.45 1.61
CA LYS D 87 -21.14 -18.77 1.01
C LYS D 87 -20.20 -18.91 -0.19
N GLU D 88 -19.65 -17.78 -0.65
CA GLU D 88 -18.75 -17.79 -1.80
C GLU D 88 -17.36 -18.34 -1.50
N SER D 89 -16.71 -18.82 -2.55
CA SER D 89 -15.37 -19.36 -2.44
C SER D 89 -14.39 -18.21 -2.38
N ALA D 90 -13.11 -18.53 -2.18
CA ALA D 90 -12.06 -17.50 -2.12
C ALA D 90 -12.05 -16.75 -3.45
N GLU D 91 -12.25 -17.48 -4.53
CA GLU D 91 -12.28 -16.92 -5.88
C GLU D 91 -13.42 -15.92 -6.04
N GLU D 92 -14.60 -16.32 -5.58
CA GLU D 92 -15.78 -15.49 -5.67
C GLU D 92 -15.60 -14.20 -4.88
N MET D 93 -15.00 -14.32 -3.70
CA MET D 93 -14.77 -13.16 -2.86
C MET D 93 -13.89 -12.14 -3.56
N VAL D 94 -12.79 -12.59 -4.13
CA VAL D 94 -11.88 -11.70 -4.82
C VAL D 94 -12.55 -11.06 -6.05
N GLN D 95 -13.25 -11.87 -6.84
CA GLN D 95 -13.94 -11.37 -8.03
C GLN D 95 -15.02 -10.36 -7.63
N THR D 96 -15.73 -10.65 -6.55
CA THR D 96 -16.77 -9.76 -6.05
C THR D 96 -16.15 -8.42 -5.65
N LEU D 97 -15.00 -8.46 -5.01
CA LEU D 97 -14.31 -7.24 -4.59
C LEU D 97 -13.83 -6.44 -5.78
N VAL D 98 -13.34 -7.13 -6.82
CA VAL D 98 -12.91 -6.44 -8.03
C VAL D 98 -14.14 -5.71 -8.57
N ASN D 99 -15.27 -6.41 -8.59
CA ASN D 99 -16.52 -5.83 -9.07
C ASN D 99 -16.96 -4.66 -8.19
N ASP D 100 -16.91 -4.86 -6.87
CA ASP D 100 -17.32 -3.80 -5.95
C ASP D 100 -16.41 -2.59 -6.06
N TYR D 101 -15.11 -2.82 -6.05
CA TYR D 101 -14.17 -1.71 -6.16
C TYR D 101 -14.36 -1.01 -7.48
N SER D 102 -14.53 -1.79 -8.55
CA SER D 102 -14.73 -1.25 -9.89
C SER D 102 -15.94 -0.33 -9.94
N ALA D 103 -17.04 -0.75 -9.33
CA ALA D 103 -18.26 0.05 -9.31
C ALA D 103 -18.02 1.34 -8.52
N LEU D 104 -17.34 1.21 -7.39
CA LEU D 104 -17.03 2.35 -6.55
C LEU D 104 -16.13 3.31 -7.33
N ILE D 105 -15.21 2.76 -8.12
CA ILE D 105 -14.33 3.60 -8.94
C ILE D 105 -15.20 4.46 -9.87
N GLN D 106 -16.21 3.85 -10.48
CA GLN D 106 -17.11 4.56 -11.38
C GLN D 106 -17.92 5.63 -10.61
N GLU D 107 -18.28 5.33 -9.36
CA GLU D 107 -19.03 6.29 -8.54
C GLU D 107 -18.13 7.45 -8.19
N LEU D 108 -16.86 7.15 -7.86
CA LEU D 108 -15.92 8.20 -7.50
C LEU D 108 -15.69 9.15 -8.65
N LYS D 109 -15.57 8.60 -9.87
CA LYS D 109 -15.38 9.42 -11.07
C LYS D 109 -16.51 10.43 -11.20
N GLU D 110 -17.75 9.97 -11.07
CA GLU D 110 -18.88 10.88 -11.17
C GLU D 110 -18.86 11.85 -10.01
N GLY D 111 -18.58 11.31 -8.81
CA GLY D 111 -18.53 12.13 -7.61
C GLY D 111 -17.52 13.25 -7.72
N MET D 112 -16.41 12.97 -8.39
CA MET D 112 -15.39 13.99 -8.57
C MET D 112 -15.86 15.04 -9.58
N GLU D 113 -16.75 14.64 -10.49
CA GLU D 113 -17.31 15.56 -11.48
C GLU D 113 -18.14 16.58 -10.72
N VAL D 114 -19.02 16.07 -9.87
CA VAL D 114 -19.92 16.90 -9.08
C VAL D 114 -19.19 17.89 -8.19
N ALA D 115 -18.17 17.42 -7.47
CA ALA D 115 -17.40 18.30 -6.61
C ALA D 115 -16.70 19.36 -7.44
N GLY D 116 -16.17 18.98 -8.58
CA GLY D 116 -15.49 19.95 -9.45
C GLY D 116 -16.42 21.02 -9.97
N GLU D 117 -17.62 20.63 -10.37
CA GLU D 117 -18.59 21.58 -10.89
C GLU D 117 -19.21 22.45 -9.79
N ALA D 118 -18.92 22.11 -8.54
CA ALA D 118 -19.43 22.89 -7.39
C ALA D 118 -18.29 23.77 -6.87
N GLY D 119 -17.13 23.64 -7.50
CA GLY D 119 -15.96 24.41 -7.09
C GLY D 119 -15.39 23.90 -5.78
N ASP D 120 -15.56 22.61 -5.53
CA ASP D 120 -15.09 22.00 -4.30
C ASP D 120 -13.87 21.09 -4.52
N ALA D 121 -12.71 21.73 -4.56
CA ALA D 121 -11.44 21.04 -4.78
C ALA D 121 -11.04 20.05 -3.69
N THR D 122 -11.31 20.39 -2.44
CA THR D 122 -10.94 19.49 -1.34
C THR D 122 -11.72 18.18 -1.40
N SER D 123 -13.04 18.26 -1.54
CA SER D 123 -13.82 17.03 -1.60
C SER D 123 -13.41 16.22 -2.82
N ALA D 124 -13.15 16.90 -3.94
CA ALA D 124 -12.75 16.21 -5.16
C ALA D 124 -11.45 15.43 -4.91
N ASP D 125 -10.51 16.07 -4.23
CA ASP D 125 -9.23 15.47 -3.91
C ASP D 125 -9.35 14.28 -2.96
N MET D 126 -10.25 14.38 -1.99
CA MET D 126 -10.44 13.29 -1.05
C MET D 126 -10.93 12.05 -1.81
N LEU D 127 -11.94 12.26 -2.64
CA LEU D 127 -12.50 11.20 -3.46
C LEU D 127 -11.43 10.62 -4.39
N LEU D 128 -10.58 11.48 -4.93
CA LEU D 128 -9.51 11.05 -5.83
C LEU D 128 -8.58 10.09 -5.11
N ALA D 129 -8.19 10.45 -3.89
CA ALA D 129 -7.29 9.63 -3.09
C ALA D 129 -7.79 8.20 -2.93
N ILE D 130 -9.10 8.01 -2.78
CA ILE D 130 -9.63 6.65 -2.68
C ILE D 130 -9.58 5.99 -4.05
N HIS D 131 -9.97 6.75 -5.06
CA HIS D 131 -9.99 6.27 -6.43
C HIS D 131 -8.63 5.71 -6.81
N THR D 132 -7.59 6.44 -6.47
CA THR D 132 -6.24 6.01 -6.77
C THR D 132 -5.90 4.67 -6.12
N THR D 133 -6.32 4.48 -4.87
CA THR D 133 -6.01 3.24 -4.18
C THR D 133 -6.84 2.08 -4.70
N LEU D 134 -8.13 2.30 -4.94
CA LEU D 134 -9.01 1.25 -5.43
C LEU D 134 -8.53 0.73 -6.78
N GLU D 135 -8.02 1.62 -7.63
CA GLU D 135 -7.53 1.19 -8.91
C GLU D 135 -6.31 0.29 -8.72
N GLN D 136 -5.53 0.55 -7.67
CA GLN D 136 -4.38 -0.28 -7.38
C GLN D 136 -4.89 -1.63 -6.91
N HIS D 137 -5.91 -1.61 -6.07
CA HIS D 137 -6.49 -2.85 -5.56
C HIS D 137 -7.02 -3.71 -6.71
N VAL D 138 -7.75 -3.10 -7.63
CA VAL D 138 -8.32 -3.88 -8.72
C VAL D 138 -7.28 -4.58 -9.55
N TRP D 139 -6.15 -3.92 -9.82
CA TRP D 139 -5.09 -4.55 -10.61
C TRP D 139 -4.54 -5.77 -9.90
N MET D 140 -4.17 -5.61 -8.64
CA MET D 140 -3.61 -6.70 -7.87
C MET D 140 -4.60 -7.87 -7.74
N LEU D 141 -5.85 -7.56 -7.42
CA LEU D 141 -6.86 -8.59 -7.27
C LEU D 141 -7.17 -9.29 -8.59
N SER D 142 -7.17 -8.55 -9.69
CA SER D 142 -7.43 -9.15 -11.01
C SER D 142 -6.22 -10.02 -11.40
N ALA D 143 -5.02 -9.55 -11.03
CA ALA D 143 -3.79 -10.28 -11.30
C ALA D 143 -3.85 -11.63 -10.58
N PHE D 144 -4.29 -11.59 -9.31
CA PHE D 144 -4.43 -12.79 -8.49
C PHE D 144 -5.28 -13.87 -9.19
N LEU D 145 -6.39 -13.43 -9.78
CA LEU D 145 -7.31 -14.33 -10.47
C LEU D 145 -6.71 -14.74 -11.81
N LYS D 146 -5.43 -14.39 -11.95
CA LYS D 146 -4.63 -14.67 -13.13
C LYS D 146 -5.01 -13.72 -14.25
FE FE E . 26.72 5.08 -1.77
FE FE F . 5.92 -2.21 -6.34
FE FE G . -9.31 -10.83 12.03
FE FE H . -12.92 11.35 13.34
#